data_5XW3
#
_entry.id   5XW3
#
_cell.length_a   69.452
_cell.length_b   69.452
_cell.length_c   129.670
_cell.angle_alpha   90.00
_cell.angle_beta   90.00
_cell.angle_gamma   120.00
#
_symmetry.space_group_name_H-M   'P 32'
#
loop_
_entity.id
_entity.type
_entity.pdbx_description
1 polymer 'O-acetylserine lyase'
2 water water
#
_entity_poly.entity_id   1
_entity_poly.type   'polypeptide(L)'
_entity_poly.pdbx_seq_one_letter_code
;MNVYRGVHELIGHTPIVEITRFSLPEGVRLFAKLEFYNPGGSVKDRLGRELIEDALEKGLVTEGGTIIEPTAGNTGIGLA
LAALQHDLRVIVCVPEKFSIEKQELMKALGATVVHTPTEQGMTGAIAKAKELVNEIPNSYSPSQFANEANPRAYFKTLGP
ELWSALNGEINIFVAGAGTGGTFMGTASYLKEKNIDIKTVIVEPEGSILNGGKAGSHETEGIGLEFIPPFLKTSYFDEIH
TISDRNAFLRVKELAQKEGLLVGSSSGAAFHASLLEAEKAAPGTNIVTIFPDSSERYLSKDIYKGWELEHHHHHH
;
_entity_poly.pdbx_strand_id   A,B
#
# COMPACT_ATOMS: atom_id res chain seq x y z
N MET A 1 6.33 -21.93 0.40
CA MET A 1 5.28 -21.18 -0.31
C MET A 1 4.96 -19.83 0.37
N ASN A 2 5.72 -18.79 0.02
CA ASN A 2 5.50 -17.45 0.57
C ASN A 2 4.22 -16.80 0.05
N VAL A 3 3.10 -17.15 0.65
CA VAL A 3 1.79 -16.63 0.25
C VAL A 3 1.03 -16.14 1.47
N TYR A 4 0.24 -15.08 1.28
CA TYR A 4 -0.66 -14.59 2.33
C TYR A 4 -1.97 -15.38 2.32
N ARG A 5 -2.35 -15.94 3.47
CA ARG A 5 -3.49 -16.87 3.54
C ARG A 5 -4.84 -16.16 3.56
N GLY A 6 -4.81 -14.84 3.52
CA GLY A 6 -6.00 -14.02 3.50
C GLY A 6 -5.55 -12.57 3.63
N VAL A 7 -6.40 -11.62 3.28
CA VAL A 7 -6.05 -10.20 3.37
C VAL A 7 -5.74 -9.78 4.81
N HIS A 8 -6.35 -10.45 5.79
CA HIS A 8 -6.11 -10.12 7.19
C HIS A 8 -4.64 -10.30 7.57
N GLU A 9 -3.95 -11.20 6.89
CA GLU A 9 -2.53 -11.39 7.12
C GLU A 9 -1.70 -10.16 6.66
N LEU A 10 -2.31 -9.29 5.85
CA LEU A 10 -1.63 -8.09 5.34
C LEU A 10 -1.70 -6.92 6.33
N ILE A 11 -2.33 -7.15 7.47
CA ILE A 11 -2.32 -6.13 8.52
C ILE A 11 -0.98 -6.13 9.26
N GLY A 12 -0.37 -4.96 9.42
CA GLY A 12 0.90 -4.91 10.13
C GLY A 12 2.11 -5.34 9.29
N HIS A 13 3.26 -5.48 9.96
CA HIS A 13 4.54 -5.68 9.28
C HIS A 13 4.67 -4.72 8.10
N THR A 14 4.32 -3.47 8.37
CA THR A 14 4.39 -2.41 7.40
C THR A 14 5.86 -2.07 7.21
N PRO A 15 6.19 -1.44 6.08
CA PRO A 15 7.60 -1.10 5.82
C PRO A 15 8.15 -0.08 6.80
N ILE A 16 9.44 -0.21 7.08
CA ILE A 16 10.18 0.88 7.69
C ILE A 16 11.25 1.33 6.68
N VAL A 17 11.27 2.62 6.38
CA VAL A 17 12.26 3.14 5.44
C VAL A 17 13.20 4.13 6.13
N GLU A 18 14.50 4.01 5.87
CA GLU A 18 15.45 5.00 6.37
C GLU A 18 15.41 6.26 5.50
N ILE A 19 15.37 7.42 6.15
CA ILE A 19 15.46 8.69 5.46
C ILE A 19 16.96 9.00 5.34
N THR A 20 17.49 9.05 4.12
CA THR A 20 18.93 9.21 3.94
C THR A 20 19.29 10.47 3.16
N ARG A 21 18.30 11.23 2.74
CA ARG A 21 18.55 12.35 1.84
C ARG A 21 18.26 13.72 2.47
N PHE A 22 18.16 13.75 3.79
CA PHE A 22 18.06 15.00 4.52
C PHE A 22 19.37 15.14 5.30
N SER A 23 20.06 16.25 5.10
CA SER A 23 21.41 16.31 5.63
C SER A 23 21.42 16.39 7.15
N LEU A 24 21.38 15.21 7.77
CA LEU A 24 21.35 15.09 9.22
C LEU A 24 22.77 15.12 9.77
N PRO A 25 22.92 15.50 11.04
CA PRO A 25 24.25 15.55 11.69
C PRO A 25 24.93 14.19 11.75
N GLU A 26 26.23 14.18 12.07
CA GLU A 26 27.04 12.96 12.07
C GLU A 26 26.52 11.93 13.07
N GLY A 27 26.38 10.69 12.62
CA GLY A 27 25.97 9.61 13.50
C GLY A 27 24.49 9.56 13.75
N VAL A 28 23.77 10.53 13.18
CA VAL A 28 22.33 10.62 13.36
C VAL A 28 21.57 9.89 12.23
N ARG A 29 20.69 8.96 12.60
CA ARG A 29 19.88 8.25 11.61
C ARG A 29 18.39 8.36 11.93
N LEU A 30 17.56 8.23 10.89
CA LEU A 30 16.13 8.47 10.99
C LEU A 30 15.34 7.45 10.16
N PHE A 31 14.35 6.84 10.81
CA PHE A 31 13.58 5.75 10.21
C PHE A 31 12.07 6.03 10.30
N ALA A 32 11.38 5.81 9.18
CA ALA A 32 9.96 6.15 9.09
C ALA A 32 9.15 4.88 8.89
N LYS A 33 8.22 4.64 9.81
CA LYS A 33 7.35 3.47 9.75
C LYS A 33 6.11 3.84 8.92
N LEU A 34 5.90 3.17 7.79
CA LEU A 34 4.83 3.57 6.86
C LEU A 34 3.52 2.82 7.18
N GLU A 35 2.74 3.35 8.13
CA GLU A 35 1.54 2.67 8.59
C GLU A 35 0.42 2.74 7.57
N PHE A 36 0.60 3.60 6.56
CA PHE A 36 -0.40 3.68 5.52
C PHE A 36 -0.34 2.46 4.61
N TYR A 37 0.61 1.56 4.83
CA TYR A 37 0.67 0.33 4.05
C TYR A 37 -0.32 -0.72 4.53
N ASN A 38 -0.96 -0.48 5.67
CA ASN A 38 -2.06 -1.35 6.09
C ASN A 38 -3.13 -1.38 5.03
N PRO A 39 -3.88 -2.50 4.94
CA PRO A 39 -4.88 -2.69 3.88
C PRO A 39 -5.88 -1.55 3.77
N GLY A 40 -6.38 -1.06 4.90
CA GLY A 40 -7.33 0.04 4.87
C GLY A 40 -6.69 1.42 4.77
N GLY A 41 -5.36 1.45 4.70
CA GLY A 41 -4.63 2.69 4.51
C GLY A 41 -4.19 3.38 5.80
N SER A 42 -4.44 2.77 6.94
CA SER A 42 -4.06 3.38 8.20
C SER A 42 -3.75 2.39 9.29
N VAL A 43 -3.14 2.89 10.34
CA VAL A 43 -2.77 2.11 11.46
C VAL A 43 -3.98 1.57 12.22
N LYS A 44 -5.15 2.16 11.99
CA LYS A 44 -6.34 1.73 12.66
C LYS A 44 -6.66 0.26 12.43
N ASP A 45 -6.23 -0.29 11.32
CA ASP A 45 -6.49 -1.66 11.03
C ASP A 45 -6.00 -2.52 12.16
N ARG A 46 -4.84 -2.19 12.69
CA ARG A 46 -4.25 -2.96 13.77
C ARG A 46 -5.13 -3.10 14.97
N LEU A 47 -5.89 -2.07 15.25
CA LEU A 47 -6.76 -2.01 16.43
C LEU A 47 -7.98 -2.90 16.21
N GLY A 48 -8.55 -2.84 15.00
CA GLY A 48 -9.69 -3.66 14.65
C GLY A 48 -9.33 -5.12 14.70
N ARG A 49 -8.21 -5.48 14.09
CA ARG A 49 -7.71 -6.85 14.17
C ARG A 49 -7.57 -7.28 15.62
N GLU A 50 -6.86 -6.47 16.41
CA GLU A 50 -6.64 -6.78 17.82
C GLU A 50 -7.93 -6.93 18.64
N LEU A 51 -8.92 -6.10 18.35
CA LEU A 51 -10.20 -6.14 19.05
C LEU A 51 -10.77 -7.57 18.97
N ILE A 52 -10.80 -8.11 17.76
CA ILE A 52 -11.32 -9.45 17.49
C ILE A 52 -10.53 -10.55 18.20
N GLU A 53 -9.21 -10.54 18.03
CA GLU A 53 -8.34 -11.58 18.58
C GLU A 53 -8.31 -11.60 20.11
N ASP A 54 -8.34 -10.43 20.72
CA ASP A 54 -8.44 -10.35 22.17
C ASP A 54 -9.78 -10.89 22.64
N ALA A 55 -10.83 -10.58 21.90
CA ALA A 55 -12.19 -11.03 22.25
C ALA A 55 -12.26 -12.56 22.23
N LEU A 56 -11.57 -13.16 21.26
CA LEU A 56 -11.46 -14.61 21.16
C LEU A 56 -10.64 -15.19 22.31
N GLU A 57 -9.35 -14.87 22.36
CA GLU A 57 -8.44 -15.34 23.42
C GLU A 57 -9.09 -15.32 24.80
N LYS A 58 -9.83 -14.26 25.08
CA LYS A 58 -10.47 -14.11 26.38
C LYS A 58 -11.84 -14.80 26.42
N GLY A 59 -12.21 -15.46 25.34
CA GLY A 59 -13.45 -16.24 25.27
C GLY A 59 -14.71 -15.42 25.46
N LEU A 60 -14.66 -14.17 24.98
CA LEU A 60 -15.82 -13.29 25.04
C LEU A 60 -16.77 -13.65 23.90
N VAL A 61 -16.24 -14.42 22.96
CA VAL A 61 -16.95 -14.87 21.77
C VAL A 61 -16.09 -15.95 21.12
N THR A 62 -16.67 -16.69 20.18
CA THR A 62 -15.94 -17.75 19.49
C THR A 62 -16.27 -17.70 18.01
N GLU A 63 -15.39 -18.28 17.19
CA GLU A 63 -15.61 -18.49 15.75
C GLU A 63 -17.05 -18.81 15.44
N GLY A 64 -17.58 -18.21 14.37
CA GLY A 64 -18.96 -18.46 14.00
C GLY A 64 -19.90 -17.51 14.73
N GLY A 65 -19.37 -16.85 15.75
CA GLY A 65 -20.16 -15.91 16.52
C GLY A 65 -20.38 -14.59 15.80
N THR A 66 -20.91 -13.62 16.54
CA THR A 66 -21.31 -12.34 15.96
C THR A 66 -20.61 -11.18 16.69
N ILE A 67 -20.20 -10.16 15.95
CA ILE A 67 -19.62 -8.98 16.57
C ILE A 67 -20.54 -7.84 16.33
N ILE A 68 -20.97 -7.16 17.39
CA ILE A 68 -21.88 -6.04 17.29
C ILE A 68 -21.18 -4.79 17.77
N GLU A 69 -20.90 -3.90 16.84
CA GLU A 69 -20.17 -2.70 17.09
C GLU A 69 -20.95 -1.43 17.19
N PRO A 70 -20.57 -0.63 18.24
CA PRO A 70 -21.31 0.64 18.34
C PRO A 70 -21.27 1.61 17.18
N THR A 71 -20.08 1.86 16.68
CA THR A 71 -19.92 2.50 15.41
C THR A 71 -18.69 1.80 14.95
N ALA A 72 -18.10 2.22 13.85
CA ALA A 72 -16.89 1.58 13.38
C ALA A 72 -15.69 1.98 14.22
N GLY A 73 -15.85 3.00 15.04
CA GLY A 73 -14.78 3.47 15.89
C GLY A 73 -13.51 3.68 15.13
N ASN A 74 -12.40 3.35 15.74
CA ASN A 74 -11.12 3.47 15.09
C ASN A 74 -10.55 2.11 14.75
N THR A 75 -11.34 1.28 14.07
CA THR A 75 -10.92 -0.04 13.70
C THR A 75 -10.48 -0.22 12.26
N GLY A 76 -10.51 0.83 11.47
CA GLY A 76 -10.15 0.74 10.05
C GLY A 76 -10.99 -0.36 9.40
N ILE A 77 -10.35 -1.22 8.59
CA ILE A 77 -11.02 -2.42 8.09
C ILE A 77 -10.46 -3.66 8.78
N GLY A 78 -9.73 -3.44 9.86
CA GLY A 78 -9.09 -4.55 10.54
C GLY A 78 -10.09 -5.43 11.26
N LEU A 79 -11.19 -4.85 11.73
CA LEU A 79 -12.19 -5.66 12.41
C LEU A 79 -12.90 -6.51 11.36
N ALA A 80 -13.31 -5.88 10.26
CA ALA A 80 -13.93 -6.60 9.14
C ALA A 80 -13.07 -7.76 8.68
N LEU A 81 -11.78 -7.51 8.47
CA LEU A 81 -10.87 -8.54 7.98
C LEU A 81 -10.68 -9.68 8.99
N ALA A 82 -10.38 -9.33 10.24
CA ALA A 82 -10.23 -10.37 11.26
C ALA A 82 -11.55 -11.13 11.47
N ALA A 83 -12.68 -10.49 11.16
CA ALA A 83 -13.96 -11.17 11.30
C ALA A 83 -14.09 -12.24 10.22
N LEU A 84 -13.70 -11.90 9.00
CA LEU A 84 -13.67 -12.86 7.89
C LEU A 84 -12.83 -14.06 8.25
N GLN A 85 -11.60 -13.78 8.69
CA GLN A 85 -10.65 -14.77 9.17
C GLN A 85 -11.29 -15.78 10.13
N HIS A 86 -12.22 -15.30 10.96
CA HIS A 86 -12.79 -16.15 11.99
C HIS A 86 -14.28 -16.38 11.86
N ASP A 87 -14.79 -16.31 10.63
CA ASP A 87 -16.20 -16.61 10.34
C ASP A 87 -17.16 -15.92 11.31
N LEU A 88 -16.82 -14.67 11.66
CA LEU A 88 -17.62 -13.87 12.58
C LEU A 88 -18.51 -12.92 11.80
N ARG A 89 -19.81 -12.94 12.08
CA ARG A 89 -20.71 -11.92 11.52
C ARG A 89 -20.41 -10.56 12.14
N VAL A 90 -20.44 -9.50 11.32
CA VAL A 90 -20.27 -8.14 11.84
C VAL A 90 -21.56 -7.35 11.67
N ILE A 91 -22.03 -6.77 12.77
CA ILE A 91 -23.18 -5.87 12.76
C ILE A 91 -22.69 -4.52 13.31
N VAL A 92 -22.85 -3.45 12.55
CA VAL A 92 -22.47 -2.12 13.05
C VAL A 92 -23.72 -1.31 13.35
N CYS A 93 -23.88 -0.92 14.60
CA CYS A 93 -24.92 0.02 14.99
C CYS A 93 -24.36 1.42 14.81
N VAL A 94 -25.18 2.34 14.31
CA VAL A 94 -24.68 3.68 13.95
C VAL A 94 -25.85 4.63 13.78
N PRO A 95 -25.73 5.85 14.35
CA PRO A 95 -26.83 6.81 14.22
C PRO A 95 -26.99 7.11 12.75
N GLU A 96 -28.21 7.31 12.28
CA GLU A 96 -28.51 7.32 10.84
C GLU A 96 -27.55 8.13 9.97
N LYS A 97 -27.35 9.39 10.34
CA LYS A 97 -26.60 10.33 9.51
C LYS A 97 -25.12 10.35 9.84
N PHE A 98 -24.70 9.51 10.76
CA PHE A 98 -23.30 9.51 11.20
C PHE A 98 -22.43 8.78 10.19
N SER A 99 -21.31 9.42 9.83
CA SER A 99 -20.27 8.89 8.92
C SER A 99 -20.76 7.99 7.77
N ILE A 100 -21.43 8.61 6.80
CA ILE A 100 -22.09 7.88 5.72
C ILE A 100 -21.13 7.01 4.92
N GLU A 101 -19.98 7.59 4.56
CA GLU A 101 -18.96 6.89 3.80
C GLU A 101 -18.56 5.62 4.53
N LYS A 102 -18.39 5.71 5.85
CA LYS A 102 -18.01 4.53 6.63
C LYS A 102 -19.11 3.45 6.63
N GLN A 103 -20.37 3.88 6.51
CA GLN A 103 -21.49 2.94 6.42
C GLN A 103 -21.37 2.16 5.13
N GLU A 104 -21.08 2.85 4.04
CA GLU A 104 -20.98 2.22 2.73
C GLU A 104 -19.82 1.25 2.71
N LEU A 105 -18.69 1.69 3.28
CA LEU A 105 -17.52 0.83 3.39
C LEU A 105 -17.87 -0.45 4.12
N MET A 106 -18.52 -0.31 5.26
CA MET A 106 -18.84 -1.49 6.06
C MET A 106 -19.78 -2.44 5.33
N LYS A 107 -20.79 -1.90 4.63
CA LYS A 107 -21.65 -2.75 3.80
C LYS A 107 -20.83 -3.45 2.71
N ALA A 108 -19.91 -2.73 2.09
CA ALA A 108 -19.13 -3.33 1.00
C ALA A 108 -18.33 -4.50 1.52
N LEU A 109 -17.96 -4.40 2.79
CA LEU A 109 -17.17 -5.44 3.45
C LEU A 109 -18.05 -6.53 4.06
N GLY A 110 -19.36 -6.43 3.86
CA GLY A 110 -20.27 -7.52 4.19
C GLY A 110 -20.92 -7.38 5.56
N ALA A 111 -20.57 -6.31 6.29
CA ALA A 111 -21.19 -6.09 7.59
C ALA A 111 -22.64 -5.69 7.43
N THR A 112 -23.46 -6.06 8.42
CA THR A 112 -24.83 -5.56 8.50
C THR A 112 -24.80 -4.19 9.20
N VAL A 113 -25.42 -3.18 8.60
CA VAL A 113 -25.52 -1.87 9.26
C VAL A 113 -26.93 -1.60 9.81
N VAL A 114 -27.02 -1.34 11.12
CA VAL A 114 -28.30 -0.92 11.71
C VAL A 114 -28.26 0.54 12.19
N HIS A 115 -29.30 1.29 11.83
CA HIS A 115 -29.39 2.70 12.21
C HIS A 115 -30.02 2.91 13.58
N THR A 116 -29.31 3.63 14.44
CA THR A 116 -29.91 4.12 15.69
C THR A 116 -30.31 5.58 15.48
N PRO A 117 -31.21 6.12 16.34
CA PRO A 117 -31.65 7.51 16.14
C PRO A 117 -30.48 8.47 16.08
N THR A 118 -30.63 9.47 15.21
CA THR A 118 -29.57 10.39 14.84
C THR A 118 -29.20 11.29 16.01
N GLU A 119 -30.19 11.55 16.87
CA GLU A 119 -30.05 12.45 18.01
C GLU A 119 -29.51 11.78 19.26
N GLN A 120 -29.67 10.46 19.36
CA GLN A 120 -29.19 9.73 20.52
C GLN A 120 -27.70 9.42 20.36
N GLY A 121 -27.17 9.76 19.18
CA GLY A 121 -25.75 9.69 18.91
C GLY A 121 -25.06 8.42 19.38
N MET A 122 -23.83 8.58 19.87
CA MET A 122 -23.02 7.45 20.33
C MET A 122 -23.75 6.64 21.40
N THR A 123 -24.44 7.35 22.28
CA THR A 123 -25.17 6.74 23.36
C THR A 123 -26.22 5.73 22.86
N GLY A 124 -26.98 6.11 21.84
CA GLY A 124 -28.02 5.26 21.30
C GLY A 124 -27.44 4.08 20.52
N ALA A 125 -26.28 4.29 19.91
CA ALA A 125 -25.61 3.20 19.20
C ALA A 125 -25.17 2.10 20.17
N ILE A 126 -24.57 2.50 21.29
CA ILE A 126 -24.21 1.58 22.38
C ILE A 126 -25.45 0.91 22.96
N ALA A 127 -26.56 1.63 22.98
CA ALA A 127 -27.81 1.09 23.51
C ALA A 127 -28.30 -0.08 22.66
N LYS A 128 -28.35 0.11 21.34
CA LYS A 128 -28.81 -0.95 20.43
C LYS A 128 -27.87 -2.16 20.51
N ALA A 129 -26.57 -1.89 20.50
CA ALA A 129 -25.58 -2.95 20.56
C ALA A 129 -25.80 -3.90 21.75
N LYS A 130 -25.98 -3.34 22.94
CA LYS A 130 -26.17 -4.16 24.12
C LYS A 130 -27.46 -4.98 24.08
N GLU A 131 -28.50 -4.45 23.42
CA GLU A 131 -29.73 -5.20 23.22
C GLU A 131 -29.44 -6.45 22.41
N LEU A 132 -28.69 -6.27 21.33
CA LEU A 132 -28.55 -7.33 20.35
C LEU A 132 -27.70 -8.46 20.91
N VAL A 133 -26.75 -8.11 21.79
CA VAL A 133 -25.99 -9.15 22.50
C VAL A 133 -26.95 -9.95 23.39
N ASN A 134 -27.96 -9.26 23.94
CA ASN A 134 -29.04 -9.92 24.68
C ASN A 134 -30.16 -10.42 23.76
N GLU A 135 -29.79 -10.84 22.55
CA GLU A 135 -30.70 -11.48 21.63
C GLU A 135 -29.94 -12.49 20.81
N ILE A 136 -28.61 -12.40 20.87
CA ILE A 136 -27.75 -13.24 20.04
C ILE A 136 -26.77 -14.07 20.84
N PRO A 137 -26.73 -15.38 20.56
CA PRO A 137 -25.80 -16.32 21.17
C PRO A 137 -24.45 -16.28 20.45
N ASN A 138 -23.35 -16.42 21.19
CA ASN A 138 -22.02 -16.23 20.64
C ASN A 138 -21.96 -14.82 20.08
N SER A 139 -22.14 -13.85 20.98
CA SER A 139 -22.27 -12.43 20.65
C SER A 139 -21.32 -11.61 21.52
N TYR A 140 -20.70 -10.58 20.93
CA TYR A 140 -19.86 -9.67 21.68
C TYR A 140 -19.86 -8.23 21.14
N SER A 141 -19.98 -7.27 22.04
CA SER A 141 -19.97 -5.84 21.70
C SER A 141 -18.93 -5.09 22.53
N PRO A 142 -17.83 -4.65 21.89
CA PRO A 142 -16.74 -3.95 22.58
C PRO A 142 -17.19 -2.64 23.21
N SER A 143 -16.49 -2.21 24.25
CA SER A 143 -16.71 -0.89 24.81
C SER A 143 -16.17 0.18 23.86
N GLN A 144 -16.61 1.42 24.04
CA GLN A 144 -16.15 2.53 23.21
C GLN A 144 -14.63 2.64 23.32
N PHE A 145 -14.11 2.36 24.51
CA PHE A 145 -12.67 2.34 24.74
C PHE A 145 -12.00 1.29 23.86
N ALA A 146 -12.52 0.07 23.91
CA ALA A 146 -12.02 -1.02 23.07
C ALA A 146 -12.17 -0.69 21.59
N ASN A 147 -13.26 0.01 21.25
CA ASN A 147 -13.59 0.28 19.84
C ASN A 147 -12.85 1.46 19.23
N GLU A 148 -12.36 2.37 20.08
CA GLU A 148 -11.77 3.65 19.63
C GLU A 148 -10.36 3.96 20.14
N ALA A 149 -10.08 3.67 21.41
CA ALA A 149 -8.87 4.21 22.06
C ALA A 149 -7.89 3.23 22.73
N ASN A 150 -7.98 1.94 22.43
CA ASN A 150 -7.14 0.96 23.13
C ASN A 150 -5.72 0.83 22.58
N PRO A 151 -4.71 1.15 23.43
CA PRO A 151 -3.30 1.17 23.02
C PRO A 151 -2.66 -0.21 22.96
N ARG A 152 -3.37 -1.23 23.46
CA ARG A 152 -2.83 -2.58 23.60
C ARG A 152 -2.38 -3.14 22.26
N ALA A 153 -3.11 -2.80 21.21
CA ALA A 153 -2.84 -3.32 19.88
C ALA A 153 -1.45 -2.93 19.41
N TYR A 154 -1.10 -1.67 19.63
CA TYR A 154 0.16 -1.13 19.17
C TYR A 154 1.27 -1.53 20.13
N PHE A 155 0.91 -1.76 21.38
CA PHE A 155 1.86 -2.30 22.34
C PHE A 155 2.31 -3.69 21.88
N LYS A 156 1.39 -4.43 21.25
CA LYS A 156 1.62 -5.84 21.00
C LYS A 156 2.20 -6.09 19.61
N THR A 157 1.96 -5.17 18.69
CA THR A 157 2.35 -5.39 17.31
C THR A 157 3.30 -4.31 16.77
N LEU A 158 2.81 -3.08 16.69
CA LEU A 158 3.61 -1.98 16.18
C LEU A 158 4.94 -1.80 16.93
N GLY A 159 4.86 -1.67 18.26
CA GLY A 159 6.06 -1.55 19.08
C GLY A 159 7.11 -2.60 18.76
N PRO A 160 6.75 -3.90 18.95
CA PRO A 160 7.64 -5.04 18.67
C PRO A 160 8.21 -5.05 17.26
N GLU A 161 7.45 -4.57 16.26
CA GLU A 161 7.96 -4.51 14.90
C GLU A 161 9.13 -3.53 14.79
N LEU A 162 9.02 -2.40 15.48
CA LEU A 162 10.06 -1.38 15.44
C LEU A 162 11.33 -1.89 16.14
N TRP A 163 11.16 -2.44 17.34
CA TRP A 163 12.26 -3.00 18.09
C TRP A 163 13.01 -4.06 17.28
N SER A 164 12.25 -5.01 16.74
CA SER A 164 12.81 -6.09 15.93
C SER A 164 13.57 -5.59 14.69
N ALA A 165 12.93 -4.76 13.89
CA ALA A 165 13.53 -4.32 12.64
C ALA A 165 14.82 -3.54 12.88
N LEU A 166 14.94 -2.90 14.04
CA LEU A 166 16.09 -2.07 14.30
C LEU A 166 17.08 -2.66 15.29
N ASN A 167 16.92 -3.94 15.63
CA ASN A 167 17.81 -4.59 16.59
C ASN A 167 17.97 -3.80 17.87
N GLY A 168 16.85 -3.30 18.41
CA GLY A 168 16.86 -2.53 19.63
C GLY A 168 17.76 -1.30 19.60
N GLU A 169 18.15 -0.90 18.39
CA GLU A 169 19.00 0.28 18.21
C GLU A 169 18.09 1.47 18.00
N ILE A 170 17.46 1.92 19.07
CA ILE A 170 16.50 3.03 19.02
C ILE A 170 16.78 3.98 20.18
N ASN A 171 16.85 5.27 19.90
CA ASN A 171 17.12 6.27 20.94
C ASN A 171 15.94 7.21 21.17
N ILE A 172 15.28 7.60 20.09
CA ILE A 172 14.18 8.56 20.14
C ILE A 172 12.97 8.09 19.32
N PHE A 173 11.80 8.07 19.95
CA PHE A 173 10.58 7.71 19.26
C PHE A 173 9.70 8.94 19.09
N VAL A 174 9.21 9.16 17.86
CA VAL A 174 8.42 10.36 17.54
C VAL A 174 7.11 9.99 16.84
N ALA A 175 5.97 10.22 17.49
CA ALA A 175 4.69 9.92 16.83
C ALA A 175 3.58 10.87 17.23
N GLY A 176 2.59 10.96 16.34
CA GLY A 176 1.42 11.77 16.55
C GLY A 176 0.55 11.25 17.68
N ALA A 177 -0.15 12.14 18.34
CA ALA A 177 -0.98 11.78 19.45
C ALA A 177 -2.32 11.48 18.92
N GLY A 178 -3.29 11.49 19.81
CA GLY A 178 -4.69 11.24 19.48
C GLY A 178 -5.07 9.80 19.49
N THR A 179 -6.37 9.54 19.55
CA THR A 179 -6.86 8.17 19.49
C THR A 179 -6.48 7.63 18.13
N GLY A 180 -6.34 8.54 17.17
CA GLY A 180 -5.95 8.21 15.83
C GLY A 180 -4.45 8.30 15.70
N GLY A 181 -3.78 8.58 16.81
CA GLY A 181 -2.35 8.69 16.81
C GLY A 181 -1.78 7.33 17.09
N THR A 182 -0.46 7.25 17.12
CA THR A 182 0.23 6.01 17.33
C THR A 182 0.85 5.87 18.73
N PHE A 183 1.32 6.98 19.26
CA PHE A 183 1.97 7.08 20.56
C PHE A 183 1.45 6.11 21.58
N MET A 184 0.14 5.99 21.65
CA MET A 184 -0.49 5.01 22.53
C MET A 184 0.25 3.68 22.51
N GLY A 185 0.73 3.22 23.65
CA GLY A 185 1.13 1.84 23.74
C GLY A 185 2.41 1.48 23.02
N THR A 186 2.66 2.16 21.90
CA THR A 186 3.92 1.97 21.21
C THR A 186 5.03 2.56 22.06
N ALA A 187 4.82 3.78 22.55
CA ALA A 187 5.82 4.42 23.42
C ALA A 187 5.99 3.66 24.71
N SER A 188 4.91 3.11 25.23
CA SER A 188 4.99 2.29 26.44
C SER A 188 5.82 1.06 26.19
N TYR A 189 5.66 0.45 25.02
CA TYR A 189 6.38 -0.78 24.74
C TYR A 189 7.88 -0.49 24.69
N LEU A 190 8.22 0.60 24.01
CA LEU A 190 9.61 0.97 23.79
C LEU A 190 10.30 1.32 25.11
N LYS A 191 9.57 1.95 26.02
CA LYS A 191 10.12 2.34 27.31
C LYS A 191 10.48 1.10 28.14
N GLU A 192 9.64 0.07 28.03
CA GLU A 192 9.87 -1.19 28.72
C GLU A 192 11.13 -1.90 28.22
N LYS A 193 11.38 -1.81 26.91
CA LYS A 193 12.58 -2.41 26.34
C LYS A 193 13.81 -1.57 26.72
N ASN A 194 13.66 -0.25 26.70
CA ASN A 194 14.72 0.68 27.14
C ASN A 194 14.18 2.01 27.67
N ILE A 195 14.36 2.27 28.97
CA ILE A 195 13.86 3.48 29.61
C ILE A 195 14.57 4.75 29.11
N ASP A 196 15.75 4.57 28.50
CA ASP A 196 16.50 5.70 27.96
C ASP A 196 16.02 6.15 26.58
N ILE A 197 14.99 5.50 26.05
CA ILE A 197 14.40 5.95 24.79
C ILE A 197 13.56 7.19 25.05
N LYS A 198 13.95 8.29 24.43
CA LYS A 198 13.20 9.54 24.49
C LYS A 198 11.92 9.39 23.65
N THR A 199 10.77 9.41 24.31
CA THR A 199 9.50 9.38 23.58
C THR A 199 8.98 10.79 23.31
N VAL A 200 8.75 11.09 22.03
CA VAL A 200 8.33 12.42 21.59
C VAL A 200 6.92 12.42 20.96
N ILE A 201 5.98 13.15 21.57
CA ILE A 201 4.62 13.20 21.03
C ILE A 201 4.39 14.41 20.10
N VAL A 202 3.69 14.18 18.99
CA VAL A 202 3.47 15.21 17.98
C VAL A 202 2.04 15.71 18.00
N GLU A 203 1.88 16.99 18.32
CA GLU A 203 0.58 17.64 18.42
C GLU A 203 0.37 18.57 17.24
N PRO A 204 -0.74 18.42 16.51
CA PRO A 204 -1.08 19.34 15.42
C PRO A 204 -1.68 20.60 16.01
N GLU A 205 -1.66 21.71 15.27
CA GLU A 205 -2.21 22.95 15.82
C GLU A 205 -3.72 22.96 16.05
N GLY A 206 -4.44 21.92 15.60
CA GLY A 206 -5.81 21.71 16.03
C GLY A 206 -5.99 21.69 17.55
N PHE A 236 5.07 11.03 28.09
CA PHE A 236 6.07 11.50 27.12
C PHE A 236 7.17 12.42 27.67
N ASP A 237 8.37 12.25 27.10
CA ASP A 237 9.53 13.06 27.47
C ASP A 237 9.51 14.43 26.79
N GLU A 238 8.83 14.52 25.65
CA GLU A 238 8.87 15.75 24.88
C GLU A 238 7.60 15.89 24.06
N ILE A 239 7.18 17.14 23.87
CA ILE A 239 6.04 17.43 23.01
C ILE A 239 6.38 18.53 22.02
N HIS A 240 6.01 18.32 20.75
CA HIS A 240 6.19 19.32 19.71
C HIS A 240 4.85 19.64 19.07
N THR A 241 4.47 20.91 19.12
CA THR A 241 3.27 21.38 18.46
C THR A 241 3.66 21.90 17.09
N ILE A 242 3.11 21.28 16.04
CA ILE A 242 3.48 21.58 14.65
C ILE A 242 2.39 22.32 13.89
N SER A 243 2.75 23.42 13.24
CA SER A 243 1.80 24.15 12.38
C SER A 243 1.45 23.35 11.14
N ASP A 244 0.25 23.58 10.60
CA ASP A 244 -0.15 22.98 9.35
C ASP A 244 0.82 23.38 8.24
N ARG A 245 1.33 24.60 8.31
CA ARG A 245 2.23 25.13 7.28
C ARG A 245 3.51 24.32 7.26
N ASN A 246 4.08 24.08 8.43
CA ASN A 246 5.30 23.30 8.50
C ASN A 246 5.10 21.83 8.09
N ALA A 247 3.96 21.27 8.39
CA ALA A 247 3.71 19.93 7.98
C ALA A 247 3.61 19.86 6.46
N PHE A 248 3.02 20.87 5.86
CA PHE A 248 2.87 20.91 4.41
C PHE A 248 4.21 21.05 3.73
N LEU A 249 5.10 21.82 4.31
CA LEU A 249 6.43 22.01 3.76
C LEU A 249 7.17 20.70 3.78
N ARG A 250 7.11 20.00 4.90
CA ARG A 250 7.73 18.68 4.98
C ARG A 250 7.12 17.68 3.99
N VAL A 251 5.80 17.70 3.82
CA VAL A 251 5.16 16.82 2.83
C VAL A 251 5.86 16.98 1.46
N LYS A 252 6.02 18.22 1.03
CA LYS A 252 6.64 18.50 -0.26
C LYS A 252 8.10 18.10 -0.36
N GLU A 253 8.84 18.31 0.72
CA GLU A 253 10.24 17.96 0.75
C GLU A 253 10.44 16.45 0.68
N LEU A 254 9.63 15.72 1.44
CA LEU A 254 9.64 14.25 1.40
C LEU A 254 9.36 13.71 0.00
N ALA A 255 8.46 14.37 -0.73
CA ALA A 255 8.17 13.94 -2.09
C ALA A 255 9.36 14.23 -3.01
N GLN A 256 9.95 15.40 -2.84
CA GLN A 256 10.97 15.84 -3.76
C GLN A 256 12.28 15.08 -3.55
N LYS A 257 12.66 14.87 -2.30
CA LYS A 257 13.97 14.32 -1.95
C LYS A 257 13.98 12.81 -1.68
N GLU A 258 12.86 12.26 -1.26
CA GLU A 258 12.79 10.83 -0.95
C GLU A 258 11.76 10.11 -1.81
N GLY A 259 11.00 10.88 -2.60
CA GLY A 259 9.94 10.29 -3.40
C GLY A 259 8.92 9.63 -2.49
N LEU A 260 8.71 10.20 -1.31
CA LEU A 260 7.74 9.66 -0.35
C LEU A 260 6.50 10.53 -0.39
N LEU A 261 5.40 9.97 -0.89
CA LEU A 261 4.16 10.71 -1.06
C LEU A 261 3.28 10.48 0.18
N VAL A 262 3.35 11.39 1.13
CA VAL A 262 2.65 11.17 2.40
C VAL A 262 1.68 12.30 2.70
N GLY A 263 0.85 12.11 3.73
CA GLY A 263 -0.06 13.14 4.18
C GLY A 263 0.49 14.08 5.23
N SER A 264 -0.34 15.01 5.67
CA SER A 264 0.09 16.08 6.59
C SER A 264 0.48 15.56 7.96
N SER A 265 -0.12 14.44 8.38
CA SER A 265 0.25 13.87 9.69
C SER A 265 1.67 13.35 9.67
N SER A 266 2.05 12.69 8.58
CA SER A 266 3.44 12.28 8.38
C SER A 266 4.37 13.50 8.31
N GLY A 267 3.92 14.54 7.63
CA GLY A 267 4.72 15.74 7.49
C GLY A 267 4.96 16.30 8.87
N ALA A 268 3.90 16.33 9.68
CA ALA A 268 4.00 16.87 11.03
C ALA A 268 5.01 16.05 11.83
N ALA A 269 4.87 14.72 11.75
CA ALA A 269 5.76 13.81 12.46
C ALA A 269 7.20 14.00 11.99
N PHE A 270 7.34 14.19 10.68
CA PHE A 270 8.65 14.39 10.11
C PHE A 270 9.29 15.68 10.61
N HIS A 271 8.51 16.77 10.66
CA HIS A 271 9.01 18.05 11.15
C HIS A 271 9.49 17.88 12.58
N ALA A 272 8.68 17.23 13.40
CA ALA A 272 9.04 16.97 14.79
C ALA A 272 10.33 16.17 14.87
N SER A 273 10.49 15.19 13.99
CA SER A 273 11.68 14.34 13.98
C SER A 273 12.94 15.14 13.66
N LEU A 274 12.82 16.08 12.71
CA LEU A 274 13.94 16.93 12.31
C LEU A 274 14.34 17.86 13.42
N LEU A 275 13.36 18.30 14.21
CA LEU A 275 13.65 19.11 15.38
C LEU A 275 14.55 18.33 16.32
N GLU A 276 14.34 17.02 16.42
CA GLU A 276 15.14 16.19 17.32
C GLU A 276 16.51 15.87 16.72
N ALA A 277 16.52 15.48 15.44
CA ALA A 277 17.77 15.14 14.76
C ALA A 277 18.80 16.28 14.76
N GLU A 278 18.32 17.51 14.91
CA GLU A 278 19.17 18.69 14.87
C GLU A 278 20.15 18.67 16.02
N LYS A 279 19.60 18.50 17.22
CA LYS A 279 20.37 18.52 18.46
C LYS A 279 20.84 17.14 18.89
N ALA A 280 20.67 16.13 18.03
CA ALA A 280 21.12 14.79 18.35
C ALA A 280 22.65 14.67 18.29
N ALA A 281 23.19 13.87 19.20
CA ALA A 281 24.62 13.53 19.18
C ALA A 281 24.77 12.25 18.37
N PRO A 282 25.98 11.99 17.85
CA PRO A 282 26.27 10.76 17.09
C PRO A 282 25.83 9.49 17.80
N GLY A 283 25.36 8.50 17.03
CA GLY A 283 24.88 7.26 17.60
C GLY A 283 23.40 7.29 17.93
N THR A 284 22.77 8.44 17.69
CA THR A 284 21.33 8.60 17.90
C THR A 284 20.50 8.00 16.74
N ASN A 285 19.57 7.12 17.07
CA ASN A 285 18.66 6.55 16.07
C ASN A 285 17.22 6.96 16.31
N ILE A 286 16.67 7.73 15.37
CA ILE A 286 15.31 8.24 15.53
C ILE A 286 14.30 7.42 14.72
N VAL A 287 13.20 7.07 15.38
CA VAL A 287 12.13 6.30 14.74
C VAL A 287 10.87 7.13 14.78
N THR A 288 10.25 7.34 13.62
CA THR A 288 8.97 8.02 13.61
C THR A 288 7.89 7.24 12.85
N ILE A 289 6.63 7.55 13.09
CA ILE A 289 5.56 6.89 12.37
C ILE A 289 4.91 7.85 11.36
N PHE A 290 4.84 7.41 10.09
CA PHE A 290 4.09 8.10 9.03
C PHE A 290 2.73 7.40 8.91
N PRO A 291 1.68 8.02 9.47
CA PRO A 291 0.37 7.35 9.53
C PRO A 291 -0.46 7.51 8.26
N ASP A 292 -0.17 8.50 7.42
CA ASP A 292 -1.06 8.80 6.30
C ASP A 292 -0.34 9.00 4.96
N SER A 293 -0.99 8.56 3.89
CA SER A 293 -0.50 8.74 2.53
C SER A 293 -1.02 10.04 1.97
N SER A 294 -0.45 10.47 0.85
CA SER A 294 -0.79 11.76 0.25
C SER A 294 -2.27 11.80 -0.15
N MET B 1 19.07 -5.67 10.33
CA MET B 1 18.14 -4.57 10.14
C MET B 1 17.22 -4.76 8.94
N ASN B 2 16.02 -5.32 9.16
CA ASN B 2 15.00 -5.36 8.10
C ASN B 2 14.48 -3.95 7.80
N VAL B 3 15.29 -3.19 7.07
CA VAL B 3 14.96 -1.81 6.74
C VAL B 3 15.07 -1.56 5.24
N TYR B 4 14.19 -0.74 4.69
CA TYR B 4 14.29 -0.33 3.30
C TYR B 4 15.19 0.91 3.16
N ARG B 5 16.22 0.78 2.32
CA ARG B 5 17.25 1.83 2.21
C ARG B 5 16.75 3.10 1.53
N GLY B 6 15.74 2.95 0.68
CA GLY B 6 15.05 4.07 0.08
C GLY B 6 13.70 3.59 -0.38
N VAL B 7 12.84 4.52 -0.83
CA VAL B 7 11.52 4.13 -1.32
C VAL B 7 11.61 3.26 -2.57
N HIS B 8 12.71 3.36 -3.32
CA HIS B 8 12.87 2.58 -4.55
C HIS B 8 12.93 1.08 -4.26
N GLU B 9 13.38 0.71 -3.07
CA GLU B 9 13.42 -0.69 -2.66
C GLU B 9 12.00 -1.24 -2.44
N LEU B 10 11.01 -0.34 -2.34
CA LEU B 10 9.61 -0.75 -2.16
C LEU B 10 8.92 -1.08 -3.46
N ILE B 11 9.65 -0.95 -4.57
CA ILE B 11 9.11 -1.39 -5.85
C ILE B 11 9.16 -2.91 -5.96
N GLY B 12 8.04 -3.52 -6.34
CA GLY B 12 8.02 -4.97 -6.49
C GLY B 12 7.96 -5.73 -5.17
N HIS B 13 8.21 -7.04 -5.23
CA HIS B 13 7.95 -7.95 -4.12
C HIS B 13 6.60 -7.64 -3.47
N THR B 14 5.62 -7.45 -4.34
CA THR B 14 4.27 -7.14 -3.93
C THR B 14 3.66 -8.42 -3.37
N PRO B 15 2.61 -8.28 -2.57
CA PRO B 15 2.01 -9.47 -1.95
C PRO B 15 1.31 -10.36 -2.96
N ILE B 16 1.36 -11.66 -2.69
CA ILE B 16 0.44 -12.58 -3.34
C ILE B 16 -0.51 -13.13 -2.27
N VAL B 17 -1.80 -13.03 -2.51
CA VAL B 17 -2.76 -13.57 -1.55
C VAL B 17 -3.52 -14.71 -2.20
N GLU B 18 -3.73 -15.79 -1.46
CA GLU B 18 -4.58 -16.88 -1.94
C GLU B 18 -6.05 -16.50 -1.72
N ILE B 19 -6.86 -16.76 -2.73
CA ILE B 19 -8.29 -16.55 -2.64
C ILE B 19 -8.88 -17.86 -2.11
N THR B 20 -9.51 -17.85 -0.95
CA THR B 20 -9.93 -19.12 -0.34
C THR B 20 -11.41 -19.16 -0.01
N ARG B 21 -12.12 -18.09 -0.36
CA ARG B 21 -13.51 -17.95 0.07
C ARG B 21 -14.49 -18.01 -1.09
N PHE B 22 -13.99 -18.43 -2.24
CA PHE B 22 -14.85 -18.66 -3.39
C PHE B 22 -14.93 -20.17 -3.57
N SER B 23 -16.15 -20.65 -3.71
CA SER B 23 -16.37 -22.08 -3.73
C SER B 23 -15.70 -22.67 -4.97
N LEU B 24 -14.42 -23.03 -4.85
CA LEU B 24 -13.69 -23.54 -6.01
C LEU B 24 -13.70 -25.08 -6.07
N PRO B 25 -13.59 -25.64 -7.28
CA PRO B 25 -13.61 -27.10 -7.43
C PRO B 25 -12.48 -27.78 -6.64
N GLU B 26 -12.60 -29.09 -6.44
CA GLU B 26 -11.64 -29.85 -5.63
C GLU B 26 -10.23 -29.78 -6.20
N GLY B 27 -9.26 -29.48 -5.33
CA GLY B 27 -7.87 -29.46 -5.76
C GLY B 27 -7.50 -28.24 -6.57
N VAL B 28 -8.42 -27.28 -6.64
CA VAL B 28 -8.19 -26.07 -7.42
C VAL B 28 -7.82 -24.90 -6.50
N ARG B 29 -6.73 -24.21 -6.80
CA ARG B 29 -6.33 -23.04 -6.00
C ARG B 29 -6.10 -21.81 -6.87
N LEU B 30 -6.25 -20.63 -6.25
CA LEU B 30 -6.19 -19.37 -6.96
C LEU B 30 -5.45 -18.32 -6.13
N PHE B 31 -4.49 -17.65 -6.78
CA PHE B 31 -3.60 -16.71 -6.11
C PHE B 31 -3.59 -15.38 -6.86
N ALA B 32 -3.72 -14.29 -6.12
CA ALA B 32 -3.85 -12.97 -6.72
C ALA B 32 -2.62 -12.14 -6.36
N LYS B 33 -1.89 -11.68 -7.38
CA LYS B 33 -0.72 -10.85 -7.16
C LYS B 33 -1.17 -9.37 -7.08
N LEU B 34 -0.93 -8.72 -5.95
CA LEU B 34 -1.47 -7.38 -5.72
C LEU B 34 -0.49 -6.28 -6.16
N GLU B 35 -0.51 -5.93 -7.44
CA GLU B 35 0.49 -5.00 -8.00
C GLU B 35 0.20 -3.56 -7.59
N PHE B 36 -0.99 -3.33 -7.05
CA PHE B 36 -1.29 -1.98 -6.59
C PHE B 36 -0.53 -1.69 -5.31
N TYR B 37 0.23 -2.66 -4.80
CA TYR B 37 1.05 -2.39 -3.61
C TYR B 37 2.36 -1.67 -3.93
N ASN B 38 2.70 -1.56 -5.21
CA ASN B 38 3.81 -0.70 -5.62
C ASN B 38 3.59 0.72 -5.12
N PRO B 39 4.70 1.43 -4.84
CA PRO B 39 4.67 2.78 -4.26
C PRO B 39 3.73 3.74 -5.01
N GLY B 40 3.76 3.71 -6.33
CA GLY B 40 2.91 4.62 -7.10
C GLY B 40 1.51 4.06 -7.32
N GLY B 41 1.26 2.85 -6.81
CA GLY B 41 -0.07 2.26 -6.87
C GLY B 41 -0.32 1.36 -8.07
N SER B 42 0.69 1.16 -8.90
CA SER B 42 0.50 0.29 -10.07
C SER B 42 1.78 -0.40 -10.48
N VAL B 43 1.61 -1.38 -11.36
CA VAL B 43 2.70 -2.21 -11.85
C VAL B 43 3.68 -1.40 -12.71
N LYS B 44 3.26 -0.24 -13.15
CA LYS B 44 4.13 0.59 -13.99
C LYS B 44 5.42 1.01 -13.28
N ASP B 45 5.44 1.02 -11.96
CA ASP B 45 6.67 1.35 -11.22
C ASP B 45 7.82 0.44 -11.64
N ARG B 46 7.53 -0.84 -11.84
CA ARG B 46 8.59 -1.79 -12.19
C ARG B 46 9.23 -1.47 -13.54
N LEU B 47 8.44 -0.88 -14.42
CA LEU B 47 8.94 -0.56 -15.76
C LEU B 47 9.87 0.64 -15.70
N GLY B 48 9.47 1.68 -14.97
CA GLY B 48 10.29 2.88 -14.81
C GLY B 48 11.57 2.55 -14.11
N ARG B 49 11.47 1.80 -13.01
CA ARG B 49 12.66 1.31 -12.34
C ARG B 49 13.58 0.54 -13.29
N GLU B 50 13.05 -0.45 -13.99
CA GLU B 50 13.86 -1.24 -14.93
C GLU B 50 14.48 -0.39 -16.02
N LEU B 51 13.75 0.62 -16.50
CA LEU B 51 14.23 1.49 -17.56
C LEU B 51 15.58 2.11 -17.17
N ILE B 52 15.63 2.67 -15.95
CA ILE B 52 16.81 3.32 -15.41
C ILE B 52 17.97 2.34 -15.26
N GLU B 53 17.70 1.17 -14.68
CA GLU B 53 18.75 0.20 -14.41
C GLU B 53 19.30 -0.46 -15.67
N ASP B 54 18.44 -0.70 -16.66
CA ASP B 54 18.90 -1.19 -17.97
C ASP B 54 19.82 -0.16 -18.63
N ALA B 55 19.46 1.12 -18.49
CA ALA B 55 20.23 2.20 -19.11
C ALA B 55 21.63 2.31 -18.50
N LEU B 56 21.70 2.13 -17.18
CA LEU B 56 22.95 2.06 -16.45
C LEU B 56 23.80 0.86 -16.86
N GLU B 57 23.27 -0.35 -16.64
CA GLU B 57 23.99 -1.59 -16.98
C GLU B 57 24.56 -1.56 -18.39
N LYS B 58 23.76 -1.08 -19.34
CA LYS B 58 24.22 -0.98 -20.72
C LYS B 58 25.08 0.28 -20.94
N GLY B 59 25.31 1.04 -19.87
CA GLY B 59 26.19 2.20 -19.92
C GLY B 59 25.77 3.32 -20.86
N LEU B 60 24.46 3.52 -21.01
CA LEU B 60 23.97 4.65 -21.78
C LEU B 60 23.95 5.88 -20.90
N VAL B 61 24.25 5.67 -19.61
CA VAL B 61 24.33 6.76 -18.65
C VAL B 61 24.92 6.24 -17.33
N THR B 62 25.42 7.17 -16.52
CA THR B 62 26.00 6.82 -15.23
C THR B 62 25.39 7.74 -14.18
N GLU B 63 25.51 7.38 -12.90
CA GLU B 63 25.03 8.23 -11.81
C GLU B 63 25.52 9.66 -11.93
N GLY B 64 24.65 10.61 -11.57
CA GLY B 64 24.99 12.01 -11.70
C GLY B 64 24.52 12.51 -13.04
N GLY B 65 24.31 11.58 -13.96
CA GLY B 65 23.81 11.89 -15.28
C GLY B 65 22.36 12.34 -15.28
N THR B 66 21.83 12.57 -16.48
CA THR B 66 20.51 13.16 -16.63
C THR B 66 19.59 12.23 -17.44
N ILE B 67 18.33 12.13 -17.06
CA ILE B 67 17.37 11.33 -17.82
C ILE B 67 16.36 12.24 -18.44
N ILE B 68 16.20 12.15 -19.75
CA ILE B 68 15.25 12.97 -20.45
C ILE B 68 14.17 12.15 -21.11
N GLU B 69 12.97 12.28 -20.58
CA GLU B 69 11.86 11.49 -21.04
C GLU B 69 10.89 12.18 -21.92
N PRO B 70 10.49 11.41 -23.01
CA PRO B 70 9.53 12.07 -23.89
C PRO B 70 8.17 12.40 -23.31
N THR B 71 7.65 11.47 -22.55
CA THR B 71 6.50 11.72 -21.75
C THR B 71 6.79 10.85 -20.55
N ALA B 72 5.89 10.77 -19.60
CA ALA B 72 6.14 9.91 -18.46
C ALA B 72 5.86 8.47 -18.85
N GLY B 73 5.14 8.31 -19.94
CA GLY B 73 4.79 7.02 -20.47
C GLY B 73 4.21 6.08 -19.46
N ASN B 74 4.65 4.85 -19.49
CA ASN B 74 4.15 3.88 -18.51
C ASN B 74 5.15 3.56 -17.39
N THR B 75 5.82 4.58 -16.86
CA THR B 75 6.85 4.35 -15.85
C THR B 75 6.37 4.52 -14.40
N GLY B 76 5.11 4.91 -14.22
CA GLY B 76 4.60 5.19 -12.89
C GLY B 76 5.50 6.20 -12.19
N ILE B 77 5.90 5.91 -10.95
CA ILE B 77 6.86 6.73 -10.25
C ILE B 77 8.17 5.98 -10.07
N GLY B 78 8.28 4.85 -10.76
CA GLY B 78 9.47 4.02 -10.63
C GLY B 78 10.68 4.64 -11.28
N LEU B 79 10.46 5.46 -12.31
CA LEU B 79 11.60 6.09 -12.96
C LEU B 79 12.10 7.19 -12.02
N ALA B 80 11.17 7.95 -11.45
CA ALA B 80 11.54 8.98 -10.47
C ALA B 80 12.30 8.37 -9.29
N LEU B 81 11.78 7.28 -8.72
CA LEU B 81 12.40 6.65 -7.57
C LEU B 81 13.80 6.10 -7.89
N ALA B 82 13.93 5.38 -9.00
CA ALA B 82 15.25 4.85 -9.37
C ALA B 82 16.21 5.98 -9.70
N ALA B 83 15.67 7.12 -10.14
CA ALA B 83 16.55 8.23 -10.47
C ALA B 83 17.15 8.79 -9.18
N LEU B 84 16.32 8.98 -8.15
CA LEU B 84 16.77 9.38 -6.84
C LEU B 84 17.90 8.50 -6.33
N GLN B 85 17.67 7.19 -6.39
CA GLN B 85 18.62 6.20 -5.94
C GLN B 85 19.97 6.33 -6.63
N HIS B 86 19.96 6.78 -7.88
CA HIS B 86 21.20 6.87 -8.64
C HIS B 86 21.63 8.30 -8.97
N ASP B 87 21.17 9.27 -8.16
CA ASP B 87 21.58 10.67 -8.29
C ASP B 87 21.38 11.22 -9.71
N LEU B 88 20.38 10.65 -10.41
CA LEU B 88 20.10 11.01 -11.79
C LEU B 88 19.06 12.10 -11.83
N ARG B 89 19.32 13.15 -12.60
CA ARG B 89 18.30 14.18 -12.81
C ARG B 89 17.25 13.72 -13.82
N VAL B 90 15.98 14.05 -13.56
CA VAL B 90 14.92 13.72 -14.49
C VAL B 90 14.33 14.98 -15.12
N ILE B 91 14.29 14.97 -16.45
CA ILE B 91 13.66 16.03 -17.24
C ILE B 91 12.55 15.35 -18.09
N VAL B 92 11.28 15.76 -17.90
CA VAL B 92 10.20 15.19 -18.74
C VAL B 92 9.78 16.21 -19.80
N CYS B 93 9.78 15.78 -21.07
CA CYS B 93 9.36 16.63 -22.18
C CYS B 93 7.91 16.36 -22.57
N VAL B 94 6.97 17.19 -22.12
CA VAL B 94 5.57 16.87 -22.36
C VAL B 94 4.88 17.96 -23.21
N PRO B 95 3.94 17.56 -24.09
CA PRO B 95 3.19 18.60 -24.81
C PRO B 95 2.37 19.36 -23.78
N GLU B 96 2.17 20.67 -23.96
CA GLU B 96 1.64 21.53 -22.87
C GLU B 96 0.39 21.01 -22.14
N LYS B 97 -0.61 20.62 -22.92
CA LYS B 97 -1.93 20.27 -22.39
C LYS B 97 -2.02 18.79 -22.03
N PHE B 98 -0.97 18.02 -22.35
CA PHE B 98 -1.01 16.58 -22.18
C PHE B 98 -0.80 16.20 -20.72
N SER B 99 -1.64 15.27 -20.24
CA SER B 99 -1.58 14.69 -18.88
C SER B 99 -1.16 15.66 -17.74
N ILE B 100 -1.99 16.68 -17.51
CA ILE B 100 -1.69 17.70 -16.51
C ILE B 100 -1.37 17.16 -15.13
N GLU B 101 -2.18 16.21 -14.67
CA GLU B 101 -2.01 15.61 -13.35
C GLU B 101 -0.63 14.97 -13.27
N LYS B 102 -0.25 14.27 -14.33
CA LYS B 102 1.06 13.63 -14.35
C LYS B 102 2.21 14.65 -14.31
N GLN B 103 1.96 15.86 -14.85
CA GLN B 103 2.97 16.93 -14.81
C GLN B 103 3.17 17.38 -13.39
N GLU B 104 2.07 17.52 -12.65
CA GLU B 104 2.13 18.04 -11.29
C GLU B 104 2.83 17.00 -10.42
N LEU B 105 2.51 15.73 -10.64
CA LEU B 105 3.16 14.62 -9.97
C LEU B 105 4.65 14.61 -10.19
N MET B 106 5.05 14.75 -11.45
CA MET B 106 6.47 14.67 -11.76
CA MET B 106 6.47 14.68 -11.79
C MET B 106 7.24 15.84 -11.14
N LYS B 107 6.63 17.03 -11.13
CA LYS B 107 7.23 18.19 -10.45
C LYS B 107 7.36 17.89 -8.96
N ALA B 108 6.33 17.30 -8.37
CA ALA B 108 6.34 17.06 -6.93
C ALA B 108 7.48 16.11 -6.59
N LEU B 109 7.75 15.22 -7.53
CA LEU B 109 8.79 14.21 -7.36
C LEU B 109 10.17 14.78 -7.73
N GLY B 110 10.22 16.06 -8.11
CA GLY B 110 11.49 16.74 -8.26
C GLY B 110 11.97 16.84 -9.70
N ALA B 111 11.21 16.29 -10.65
CA ALA B 111 11.63 16.33 -12.05
C ALA B 111 11.41 17.72 -12.62
N THR B 112 12.19 18.05 -13.63
CA THR B 112 12.01 19.26 -14.40
C THR B 112 11.01 18.98 -15.54
N VAL B 113 9.97 19.79 -15.66
CA VAL B 113 9.02 19.62 -16.76
C VAL B 113 9.21 20.66 -17.86
N VAL B 114 9.48 20.21 -19.08
CA VAL B 114 9.53 21.12 -20.23
C VAL B 114 8.37 20.87 -21.20
N HIS B 115 7.69 21.96 -21.59
CA HIS B 115 6.58 21.87 -22.54
C HIS B 115 7.03 21.89 -24.00
N THR B 116 6.48 20.95 -24.76
CA THR B 116 6.55 20.97 -26.22
C THR B 116 5.15 21.38 -26.74
N PRO B 117 5.06 21.83 -28.00
CA PRO B 117 3.74 22.22 -28.52
C PRO B 117 2.73 21.09 -28.46
N THR B 118 1.49 21.42 -28.10
CA THR B 118 0.43 20.42 -27.94
C THR B 118 0.20 19.68 -29.24
N GLU B 119 0.19 20.43 -30.34
CA GLU B 119 -0.09 19.89 -31.67
C GLU B 119 0.94 18.88 -32.15
N GLN B 120 2.19 19.06 -31.75
CA GLN B 120 3.25 18.17 -32.18
C GLN B 120 3.23 16.87 -31.37
N GLY B 121 2.40 16.87 -30.33
CA GLY B 121 2.15 15.67 -29.55
C GLY B 121 3.38 14.88 -29.17
N MET B 122 3.26 13.55 -29.17
CA MET B 122 4.40 12.67 -28.88
C MET B 122 5.63 13.00 -29.73
N THR B 123 5.41 13.28 -31.02
CA THR B 123 6.52 13.57 -31.91
C THR B 123 7.30 14.82 -31.46
N GLY B 124 6.57 15.82 -30.99
CA GLY B 124 7.20 17.05 -30.51
C GLY B 124 7.97 16.80 -29.24
N ALA B 125 7.41 15.95 -28.37
CA ALA B 125 8.08 15.58 -27.13
C ALA B 125 9.35 14.78 -27.40
N ILE B 126 9.26 13.81 -28.30
CA ILE B 126 10.43 13.03 -28.70
C ILE B 126 11.47 13.92 -29.38
N ALA B 127 11.00 14.90 -30.15
CA ALA B 127 11.90 15.84 -30.81
C ALA B 127 12.76 16.59 -29.80
N LYS B 128 12.14 17.17 -28.79
CA LYS B 128 12.88 17.99 -27.82
C LYS B 128 13.84 17.16 -26.98
N ALA B 129 13.42 15.98 -26.56
CA ALA B 129 14.29 15.10 -25.79
C ALA B 129 15.61 14.85 -26.53
N LYS B 130 15.49 14.49 -27.82
CA LYS B 130 16.64 14.27 -28.67
C LYS B 130 17.59 15.47 -28.69
N GLU B 131 17.04 16.67 -28.75
CA GLU B 131 17.86 17.88 -28.68
C GLU B 131 18.67 17.88 -27.41
N LEU B 132 17.97 17.72 -26.30
CA LEU B 132 18.59 17.95 -25.00
C LEU B 132 19.69 16.92 -24.70
N VAL B 133 19.52 15.71 -25.22
CA VAL B 133 20.58 14.71 -25.11
C VAL B 133 21.81 15.20 -25.88
N ASN B 134 21.57 15.87 -27.01
CA ASN B 134 22.63 16.45 -27.82
C ASN B 134 23.11 17.80 -27.28
N GLU B 135 22.80 18.09 -26.02
CA GLU B 135 23.26 19.31 -25.36
C GLU B 135 23.60 19.04 -23.90
N ILE B 136 23.43 17.79 -23.47
CA ILE B 136 23.78 17.41 -22.10
C ILE B 136 24.71 16.20 -22.06
N PRO B 137 25.77 16.29 -21.24
CA PRO B 137 26.70 15.16 -21.06
C PRO B 137 26.21 14.22 -19.95
N ASN B 138 26.47 12.93 -20.11
CA ASN B 138 25.89 11.91 -19.23
C ASN B 138 24.38 12.06 -19.31
N SER B 139 23.86 11.85 -20.52
CA SER B 139 22.48 12.12 -20.88
C SER B 139 21.91 10.92 -21.64
N TYR B 140 20.65 10.57 -21.36
CA TYR B 140 19.98 9.45 -22.03
C TYR B 140 18.45 9.63 -22.14
N SER B 141 17.92 9.43 -23.34
CA SER B 141 16.47 9.49 -23.59
C SER B 141 15.93 8.18 -24.18
N PRO B 142 15.06 7.49 -23.44
CA PRO B 142 14.51 6.20 -23.86
C PRO B 142 13.59 6.32 -25.07
N SER B 143 13.53 5.27 -25.88
CA SER B 143 12.58 5.19 -26.99
C SER B 143 11.16 5.11 -26.41
N GLN B 144 10.16 5.46 -27.23
CA GLN B 144 8.77 5.39 -26.81
C GLN B 144 8.46 3.97 -26.37
N PHE B 145 9.05 3.00 -27.08
CA PHE B 145 8.93 1.60 -26.73
C PHE B 145 9.47 1.33 -25.34
N ALA B 146 10.72 1.73 -25.11
CA ALA B 146 11.33 1.58 -23.78
C ALA B 146 10.52 2.30 -22.70
N ASN B 147 9.90 3.43 -23.08
CA ASN B 147 9.20 4.29 -22.14
C ASN B 147 7.76 3.90 -21.83
N GLU B 148 7.16 3.07 -22.69
CA GLU B 148 5.73 2.73 -22.61
C GLU B 148 5.43 1.21 -22.67
N ALA B 149 6.18 0.45 -23.47
CA ALA B 149 5.74 -0.91 -23.84
C ALA B 149 6.71 -2.07 -23.64
N ASN B 150 7.78 -1.88 -22.87
CA ASN B 150 8.81 -2.93 -22.73
C ASN B 150 8.46 -4.01 -21.69
N PRO B 151 8.35 -5.27 -22.16
CA PRO B 151 7.94 -6.37 -21.26
C PRO B 151 9.10 -6.92 -20.43
N ARG B 152 10.32 -6.46 -20.70
CA ARG B 152 11.52 -7.02 -20.07
C ARG B 152 11.45 -6.87 -18.56
N ALA B 153 10.89 -5.76 -18.11
CA ALA B 153 10.83 -5.45 -16.68
C ALA B 153 10.08 -6.54 -15.94
N TYR B 154 8.95 -6.96 -16.51
CA TYR B 154 8.09 -7.94 -15.86
C TYR B 154 8.65 -9.34 -16.05
N PHE B 155 9.37 -9.52 -17.16
CA PHE B 155 10.09 -10.75 -17.40
C PHE B 155 11.14 -10.94 -16.30
N LYS B 156 11.74 -9.83 -15.86
CA LYS B 156 12.90 -9.87 -14.97
C LYS B 156 12.50 -9.90 -13.50
N THR B 157 11.33 -9.34 -13.19
CA THR B 157 10.95 -9.16 -11.81
C THR B 157 9.65 -9.86 -11.43
N LEU B 158 8.54 -9.41 -12.01
CA LEU B 158 7.22 -9.97 -11.73
C LEU B 158 7.13 -11.49 -11.95
N GLY B 159 7.49 -11.95 -13.14
CA GLY B 159 7.54 -13.38 -13.42
C GLY B 159 8.24 -14.18 -12.34
N PRO B 160 9.54 -13.93 -12.12
CA PRO B 160 10.34 -14.60 -11.09
C PRO B 160 9.71 -14.57 -9.69
N GLU B 161 9.06 -13.47 -9.31
CA GLU B 161 8.41 -13.40 -8.01
C GLU B 161 7.27 -14.41 -7.91
N LEU B 162 6.52 -14.58 -9.00
CA LEU B 162 5.40 -15.50 -8.99
C LEU B 162 5.93 -16.93 -8.89
N TRP B 163 6.91 -17.25 -9.72
CA TRP B 163 7.52 -18.58 -9.74
C TRP B 163 8.10 -18.94 -8.37
N SER B 164 8.90 -18.04 -7.83
CA SER B 164 9.52 -18.23 -6.53
C SER B 164 8.49 -18.42 -5.40
N ALA B 165 7.54 -17.50 -5.31
CA ALA B 165 6.57 -17.57 -4.21
C ALA B 165 5.75 -18.86 -4.23
N LEU B 166 5.48 -19.38 -5.42
CA LEU B 166 4.66 -20.58 -5.52
C LEU B 166 5.44 -21.87 -5.74
N ASN B 167 6.77 -21.78 -5.62
CA ASN B 167 7.63 -22.96 -5.82
C ASN B 167 7.37 -23.68 -7.13
N GLY B 168 7.23 -22.91 -8.21
CA GLY B 168 7.05 -23.48 -9.54
C GLY B 168 5.75 -24.23 -9.71
N GLU B 169 4.88 -24.12 -8.71
CA GLU B 169 3.60 -24.82 -8.73
C GLU B 169 2.55 -23.90 -9.35
N ILE B 170 2.65 -23.72 -10.65
CA ILE B 170 1.73 -22.89 -11.42
C ILE B 170 1.25 -23.64 -12.64
N ASN B 171 -0.05 -23.62 -12.91
CA ASN B 171 -0.62 -24.31 -14.07
C ASN B 171 -1.24 -23.33 -15.07
N ILE B 172 -1.85 -22.26 -14.55
CA ILE B 172 -2.57 -21.30 -15.39
C ILE B 172 -2.29 -19.85 -14.96
N PHE B 173 -1.86 -19.03 -15.91
CA PHE B 173 -1.59 -17.62 -15.65
C PHE B 173 -2.62 -16.73 -16.34
N VAL B 174 -3.24 -15.82 -15.57
CA VAL B 174 -4.32 -14.96 -16.07
C VAL B 174 -4.00 -13.47 -15.80
N ALA B 175 -3.83 -12.66 -16.84
CA ALA B 175 -3.63 -11.20 -16.64
C ALA B 175 -4.16 -10.37 -17.80
N GLY B 176 -4.48 -9.09 -17.53
CA GLY B 176 -4.84 -8.14 -18.57
C GLY B 176 -3.63 -7.78 -19.42
N ALA B 177 -3.85 -7.10 -20.54
CA ALA B 177 -2.81 -6.63 -21.47
C ALA B 177 -1.43 -6.38 -20.84
N PHE B 183 0.99 -8.92 -18.83
CA PHE B 183 0.88 -10.22 -19.48
C PHE B 183 2.11 -10.40 -20.33
N MET B 184 2.41 -9.38 -21.11
CA MET B 184 3.68 -9.26 -21.82
C MET B 184 4.82 -9.49 -20.83
N GLY B 185 5.76 -10.35 -21.17
CA GLY B 185 6.94 -10.49 -20.32
C GLY B 185 6.77 -11.50 -19.22
N THR B 186 5.70 -11.35 -18.46
CA THR B 186 5.38 -12.28 -17.38
C THR B 186 5.01 -13.65 -17.95
N ALA B 187 4.13 -13.68 -18.96
CA ALA B 187 3.73 -14.93 -19.61
C ALA B 187 4.89 -15.61 -20.33
N SER B 188 5.80 -14.80 -20.87
CA SER B 188 6.97 -15.37 -21.52
C SER B 188 7.86 -16.05 -20.50
N TYR B 189 8.02 -15.41 -19.35
CA TYR B 189 8.91 -15.94 -18.34
C TYR B 189 8.39 -17.29 -17.87
N LEU B 190 7.09 -17.33 -17.62
CA LEU B 190 6.45 -18.51 -17.10
C LEU B 190 6.47 -19.67 -18.11
N LYS B 191 6.36 -19.35 -19.39
CA LYS B 191 6.39 -20.35 -20.45
C LYS B 191 7.76 -21.00 -20.52
N GLU B 192 8.80 -20.17 -20.40
CA GLU B 192 10.18 -20.64 -20.34
C GLU B 192 10.39 -21.58 -19.18
N LYS B 193 9.93 -21.19 -18.00
CA LYS B 193 10.01 -22.02 -16.80
C LYS B 193 9.26 -23.34 -16.99
N ASN B 194 8.03 -23.24 -17.51
CA ASN B 194 7.23 -24.42 -17.87
C ASN B 194 6.29 -24.18 -19.06
N ILE B 195 6.48 -24.95 -20.12
CA ILE B 195 5.68 -24.81 -21.34
C ILE B 195 4.22 -25.23 -21.17
N ASP B 196 3.93 -26.03 -20.15
CA ASP B 196 2.57 -26.51 -19.92
C ASP B 196 1.72 -25.54 -19.09
N ILE B 197 2.29 -24.37 -18.77
CA ILE B 197 1.49 -23.34 -18.12
C ILE B 197 0.58 -22.69 -19.16
N LYS B 198 -0.73 -22.80 -18.93
CA LYS B 198 -1.74 -22.13 -19.75
C LYS B 198 -1.71 -20.63 -19.47
N THR B 199 -1.30 -19.85 -20.48
CA THR B 199 -1.32 -18.38 -20.33
C THR B 199 -2.63 -17.81 -20.88
N VAL B 200 -3.33 -17.06 -20.03
CA VAL B 200 -4.65 -16.51 -20.35
C VAL B 200 -4.68 -14.96 -20.33
N ILE B 201 -4.98 -14.33 -21.47
CA ILE B 201 -5.05 -12.86 -21.50
C ILE B 201 -6.48 -12.33 -21.31
N VAL B 202 -6.60 -11.24 -20.56
CA VAL B 202 -7.90 -10.67 -20.24
C VAL B 202 -8.12 -9.36 -20.99
N GLU B 203 -9.15 -9.36 -21.82
CA GLU B 203 -9.52 -8.22 -22.65
C GLU B 203 -10.79 -7.57 -22.08
N PRO B 204 -10.74 -6.27 -21.78
CA PRO B 204 -11.96 -5.57 -21.33
C PRO B 204 -12.78 -5.22 -22.56
N GLU B 205 -14.10 -5.06 -22.44
CA GLU B 205 -14.87 -4.63 -23.61
C GLU B 205 -14.45 -3.21 -24.02
N GLY B 206 -14.37 -2.98 -25.32
CA GLY B 206 -13.68 -1.79 -25.82
C GLY B 206 -12.34 -2.19 -26.43
N PHE B 236 -0.07 -16.83 -24.84
CA PHE B 236 -1.44 -16.59 -25.28
C PHE B 236 -2.16 -17.89 -25.71
N ASP B 237 -2.42 -18.75 -24.75
CA ASP B 237 -3.19 -19.97 -24.97
C ASP B 237 -4.71 -19.69 -24.99
N GLU B 238 -5.14 -18.65 -24.30
CA GLU B 238 -6.57 -18.38 -24.22
C GLU B 238 -6.82 -16.89 -24.02
N ILE B 239 -7.96 -16.41 -24.52
CA ILE B 239 -8.36 -15.03 -24.29
C ILE B 239 -9.80 -14.97 -23.79
N HIS B 240 -10.03 -14.13 -22.78
CA HIS B 240 -11.38 -13.85 -22.30
C HIS B 240 -11.66 -12.37 -22.39
N THR B 241 -12.73 -12.03 -23.10
CA THR B 241 -13.23 -10.66 -23.14
C THR B 241 -14.29 -10.50 -22.06
N ILE B 242 -14.03 -9.57 -21.14
CA ILE B 242 -14.86 -9.38 -19.95
C ILE B 242 -15.67 -8.08 -20.01
N SER B 243 -16.99 -8.17 -19.82
CA SER B 243 -17.82 -6.97 -19.71
C SER B 243 -17.48 -6.12 -18.49
N ASP B 244 -17.69 -4.82 -18.58
CA ASP B 244 -17.62 -3.92 -17.43
C ASP B 244 -18.57 -4.39 -16.32
N ARG B 245 -19.74 -4.89 -16.70
CA ARG B 245 -20.72 -5.29 -15.69
C ARG B 245 -20.16 -6.46 -14.88
N ASN B 246 -19.62 -7.46 -15.56
CA ASN B 246 -19.04 -8.59 -14.83
C ASN B 246 -17.84 -8.23 -13.95
N ALA B 247 -17.00 -7.34 -14.42
CA ALA B 247 -15.87 -6.92 -13.63
C ALA B 247 -16.37 -6.25 -12.35
N PHE B 248 -17.36 -5.40 -12.49
CA PHE B 248 -17.94 -4.69 -11.36
C PHE B 248 -18.52 -5.66 -10.38
N LEU B 249 -19.25 -6.65 -10.86
CA LEU B 249 -19.81 -7.67 -9.96
C LEU B 249 -18.69 -8.33 -9.17
N ARG B 250 -17.61 -8.72 -9.85
CA ARG B 250 -16.50 -9.37 -9.17
C ARG B 250 -15.83 -8.45 -8.14
N VAL B 251 -15.75 -7.16 -8.44
CA VAL B 251 -15.18 -6.20 -7.49
C VAL B 251 -15.93 -6.26 -6.15
N LYS B 252 -17.26 -6.28 -6.23
CA LYS B 252 -18.10 -6.30 -5.03
C LYS B 252 -17.98 -7.60 -4.25
N GLU B 253 -17.97 -8.72 -4.95
CA GLU B 253 -17.79 -10.03 -4.34
C GLU B 253 -16.43 -10.15 -3.63
N LEU B 254 -15.37 -9.66 -4.27
CA LEU B 254 -14.05 -9.63 -3.65
C LEU B 254 -14.03 -8.82 -2.36
N ALA B 255 -14.76 -7.72 -2.33
CA ALA B 255 -14.80 -6.91 -1.12
C ALA B 255 -15.59 -7.63 -0.03
N GLN B 256 -16.69 -8.27 -0.44
CA GLN B 256 -17.62 -8.83 0.53
C GLN B 256 -17.08 -10.13 1.13
N LYS B 257 -16.46 -10.97 0.30
CA LYS B 257 -16.02 -12.30 0.72
C LYS B 257 -14.54 -12.37 1.12
N GLU B 258 -13.71 -11.52 0.55
CA GLU B 258 -12.28 -11.56 0.85
C GLU B 258 -11.80 -10.26 1.51
N GLY B 259 -12.67 -9.27 1.61
CA GLY B 259 -12.25 -7.97 2.08
C GLY B 259 -11.15 -7.41 1.21
N LEU B 260 -11.22 -7.68 -0.10
CA LEU B 260 -10.23 -7.18 -1.05
C LEU B 260 -10.83 -6.04 -1.83
N LEU B 261 -10.35 -4.83 -1.58
CA LEU B 261 -10.87 -3.63 -2.19
C LEU B 261 -10.07 -3.34 -3.45
N VAL B 262 -10.59 -3.73 -4.60
CA VAL B 262 -9.83 -3.61 -5.84
C VAL B 262 -10.59 -2.84 -6.91
N GLY B 263 -9.91 -2.54 -8.01
CA GLY B 263 -10.54 -1.89 -9.15
C GLY B 263 -11.09 -2.85 -10.18
N SER B 264 -11.64 -2.27 -11.25
CA SER B 264 -12.35 -3.04 -12.28
C SER B 264 -11.41 -3.93 -13.06
N SER B 265 -10.15 -3.53 -13.18
CA SER B 265 -9.19 -4.36 -13.92
C SER B 265 -8.95 -5.65 -13.18
N SER B 266 -8.79 -5.55 -11.86
CA SER B 266 -8.70 -6.74 -11.00
C SER B 266 -9.99 -7.59 -11.09
N GLY B 267 -11.15 -6.93 -11.06
CA GLY B 267 -12.40 -7.64 -11.12
C GLY B 267 -12.47 -8.40 -12.42
N ALA B 268 -12.01 -7.75 -13.50
CA ALA B 268 -12.01 -8.39 -14.80
C ALA B 268 -11.10 -9.60 -14.76
N ALA B 269 -9.89 -9.43 -14.22
CA ALA B 269 -8.94 -10.54 -14.11
C ALA B 269 -9.54 -11.67 -13.28
N PHE B 270 -10.23 -11.29 -12.21
CA PHE B 270 -10.84 -12.27 -11.33
C PHE B 270 -11.92 -13.06 -12.03
N HIS B 271 -12.79 -12.38 -12.79
CA HIS B 271 -13.84 -13.04 -13.56
C HIS B 271 -13.21 -14.07 -14.49
N ALA B 272 -12.26 -13.61 -15.29
CA ALA B 272 -11.53 -14.50 -16.19
C ALA B 272 -10.91 -15.69 -15.45
N SER B 273 -10.36 -15.46 -14.26
CA SER B 273 -9.79 -16.54 -13.46
C SER B 273 -10.84 -17.58 -13.06
N LEU B 274 -12.02 -17.11 -12.64
CA LEU B 274 -13.12 -17.99 -12.24
C LEU B 274 -13.64 -18.79 -13.41
N LEU B 275 -13.60 -18.21 -14.61
CA LEU B 275 -13.93 -18.94 -15.83
C LEU B 275 -13.01 -20.15 -15.99
N GLU B 276 -11.73 -19.96 -15.68
CA GLU B 276 -10.75 -21.05 -15.79
C GLU B 276 -10.91 -22.06 -14.67
N ALA B 277 -11.07 -21.56 -13.44
CA ALA B 277 -11.15 -22.43 -12.28
C ALA B 277 -12.34 -23.40 -12.33
N GLU B 278 -13.38 -23.00 -13.07
CA GLU B 278 -14.60 -23.77 -13.14
C GLU B 278 -14.33 -25.12 -13.77
N LYS B 279 -13.60 -25.10 -14.88
CA LYS B 279 -13.28 -26.29 -15.66
C LYS B 279 -11.92 -26.89 -15.31
N ALA B 280 -11.30 -26.39 -14.25
CA ALA B 280 -10.00 -26.91 -13.81
C ALA B 280 -10.12 -28.30 -13.19
N ALA B 281 -9.15 -29.16 -13.50
CA ALA B 281 -9.03 -30.46 -12.86
C ALA B 281 -8.26 -30.26 -11.57
N PRO B 282 -8.40 -31.18 -10.60
CA PRO B 282 -7.66 -31.07 -9.33
C PRO B 282 -6.15 -30.96 -9.55
N GLY B 283 -5.47 -30.24 -8.66
CA GLY B 283 -4.03 -30.05 -8.77
C GLY B 283 -3.67 -28.78 -9.53
N THR B 284 -4.69 -28.16 -10.12
CA THR B 284 -4.52 -26.92 -10.88
C THR B 284 -4.29 -25.70 -9.98
N ASN B 285 -3.18 -24.99 -10.20
CA ASN B 285 -2.92 -23.74 -9.49
C ASN B 285 -2.99 -22.52 -10.38
N ILE B 286 -3.91 -21.62 -10.07
CA ILE B 286 -4.14 -20.46 -10.93
C ILE B 286 -3.56 -19.18 -10.33
N VAL B 287 -2.82 -18.44 -11.16
CA VAL B 287 -2.19 -17.19 -10.76
C VAL B 287 -2.77 -16.06 -11.57
N THR B 288 -3.25 -15.02 -10.90
CA THR B 288 -3.71 -13.85 -11.64
C THR B 288 -3.10 -12.57 -11.07
N ILE B 289 -3.10 -11.50 -11.86
CA ILE B 289 -2.59 -10.23 -11.36
C ILE B 289 -3.75 -9.26 -11.14
N PHE B 290 -3.78 -8.64 -9.95
CA PHE B 290 -4.70 -7.55 -9.62
C PHE B 290 -3.90 -6.24 -9.73
N PRO B 291 -4.07 -5.53 -10.86
CA PRO B 291 -3.26 -4.31 -11.10
C PRO B 291 -3.75 -3.05 -10.38
N ASP B 292 -5.02 -2.99 -9.99
CA ASP B 292 -5.60 -1.72 -9.50
C ASP B 292 -6.37 -1.82 -8.19
N SER B 293 -6.26 -0.77 -7.38
CA SER B 293 -7.02 -0.68 -6.13
C SER B 293 -8.33 -0.01 -6.42
N SER B 294 -9.24 -0.07 -5.44
CA SER B 294 -10.59 0.44 -5.61
C SER B 294 -10.56 1.94 -5.88
#